data_6QYN
#
_entry.id   6QYN
#
_cell.length_a   100.090
_cell.length_b   136.460
_cell.length_c   37.990
_cell.angle_alpha   90.000
_cell.angle_beta   90.000
_cell.angle_gamma   90.000
#
_symmetry.space_group_name_H-M   'P 21 21 2'
#
loop_
_entity.id
_entity.type
_entity.pdbx_description
1 polymer 'Maltose/maltodextrin-binding periplasmic protein,Induced myeloid leukemia cell differentiation protein Mcl-1'
2 branched alpha-D-glucopyranose-(1-4)-alpha-D-glucopyranose
3 non-polymer '(2~{R})-2-[5-(3-chloranyl-2-methyl-4-oxidanyl-phenyl)-6-ethyl-thieno[2,3-d]pyrimidin-4-yl]oxy-3-phenyl-propanoic acid'
4 water water
#
_entity_poly.entity_id   1
_entity_poly.type   'polypeptide(L)'
_entity_poly.pdbx_seq_one_letter_code
;MKIEEGKLVIWINGDKGYNGLAEVGKKFEKDTGIKVTVEHPDKLEEKFPQVAATGDGPDIIFWAHDRFGGYAQSGLLAEI
TPDKAFQDKLYPFTWDAVRYNGKLIAYPIAVEALSLIYNKDLLPNPPKTWEEIPALDKELKAKGKSALMFNLQEPYFTWP
LIAADGGYAFKYAAGKYDIKDVGVDNAGAKAGLTFLVDLIKNKHMNADTDYSIAEAAFNKGETAMTINGPWAWSNIDTSA
VNYGVTVLPTFKGQPSKPFVGVLSAGINAASPNKELAKEFLENYLLTDEGLEAVNKDKPLGAVALKSYEEELAKDPRIAA
TMENAQKGEIMPNIPQMSAFWYAVRTAVINAASGRQTVDEALKDAQTGSELYRQSLEIISRYLREQATGAADTAPMGASG
ATSRKALETLRRVGDGVQRNHETAFQGMLRKLDIKNEDDVKSLSRVMIHVFSDGVTNWGRIVTLISFGAFVAKHLKTINQ
ESCIEPLAESITDVLVRTKRDWLVKQRGWDGFVEFFHV
;
_entity_poly.pdbx_strand_id   A
#
# COMPACT_ATOMS: atom_id res chain seq x y z
N MET A 1 11.46 7.06 26.20
CA MET A 1 10.25 6.46 25.56
C MET A 1 9.17 7.54 25.49
N LYS A 2 8.70 7.90 24.29
CA LYS A 2 7.77 9.07 24.12
C LYS A 2 6.32 8.67 24.43
N ILE A 3 5.81 7.52 23.97
CA ILE A 3 4.37 7.11 24.12
C ILE A 3 4.04 6.99 25.61
N GLU A 4 3.01 7.70 26.09
CA GLU A 4 2.58 7.72 27.52
C GLU A 4 2.02 6.36 27.89
N GLU A 5 2.25 5.94 29.13
CA GLU A 5 1.77 4.64 29.62
C GLU A 5 0.55 4.89 30.50
N GLY A 6 -0.32 3.89 30.66
CA GLY A 6 -1.54 3.93 31.50
C GLY A 6 -2.73 4.51 30.75
N LYS A 7 -2.65 4.60 29.42
CA LYS A 7 -3.76 5.12 28.58
C LYS A 7 -3.58 4.66 27.13
N LEU A 8 -4.62 4.69 26.32
CA LEU A 8 -4.60 4.23 24.89
C LEU A 8 -4.90 5.41 23.99
N VAL A 9 -4.09 5.60 22.96
CA VAL A 9 -4.34 6.52 21.82
C VAL A 9 -4.64 5.67 20.56
N ILE A 10 -5.71 5.97 19.83
CA ILE A 10 -6.04 5.18 18.61
C ILE A 10 -6.04 6.11 17.40
N TRP A 11 -5.47 5.63 16.29
CA TRP A 11 -5.50 6.32 14.98
C TRP A 11 -6.38 5.51 14.04
N ILE A 12 -7.33 6.20 13.41
CA ILE A 12 -8.25 5.60 12.42
C ILE A 12 -8.53 6.66 11.37
N ASN A 13 -8.80 6.23 10.15
CA ASN A 13 -9.05 7.15 9.02
C ASN A 13 -10.35 7.93 9.27
N GLY A 14 -10.43 9.14 8.72
CA GLY A 14 -11.55 10.07 8.88
C GLY A 14 -12.80 9.68 8.11
N ASP A 15 -12.72 8.73 7.18
CA ASP A 15 -13.92 8.20 6.48
C ASP A 15 -14.56 7.12 7.34
N LYS A 16 -13.92 6.72 8.43
CA LYS A 16 -14.40 5.58 9.22
C LYS A 16 -15.26 6.09 10.37
N GLY A 17 -15.88 5.18 11.13
CA GLY A 17 -16.74 5.53 12.27
C GLY A 17 -15.94 5.78 13.54
N TYR A 18 -15.26 6.92 13.64
CA TYR A 18 -14.39 7.26 14.80
C TYR A 18 -15.22 7.65 16.03
N ASN A 19 -16.41 8.25 15.87
CA ASN A 19 -17.27 8.59 17.05
C ASN A 19 -17.80 7.31 17.69
N GLY A 20 -18.18 6.32 16.87
CA GLY A 20 -18.61 5.00 17.35
C GLY A 20 -17.46 4.29 18.06
N LEU A 21 -16.23 4.43 17.55
CA LEU A 21 -15.04 3.77 18.15
C LEU A 21 -14.79 4.38 19.53
N ALA A 22 -15.02 5.69 19.65
CA ALA A 22 -14.80 6.48 20.89
C ALA A 22 -15.84 6.08 21.95
N GLU A 23 -17.01 5.60 21.53
CA GLU A 23 -18.07 5.11 22.45
C GLU A 23 -17.61 3.80 23.06
N VAL A 24 -16.82 3.02 22.32
CA VAL A 24 -16.27 1.74 22.83
C VAL A 24 -15.11 2.06 23.76
N GLY A 25 -14.44 3.19 23.53
CA GLY A 25 -13.35 3.68 24.38
C GLY A 25 -13.90 4.23 25.68
N LYS A 26 -15.12 4.76 25.63
CA LYS A 26 -15.80 5.27 26.85
C LYS A 26 -16.18 4.08 27.70
N LYS A 27 -16.63 3.00 27.07
CA LYS A 27 -17.06 1.78 27.76
C LYS A 27 -15.83 1.11 28.36
N PHE A 28 -14.67 1.19 27.69
CA PHE A 28 -13.38 0.67 28.23
C PHE A 28 -12.96 1.50 29.43
N GLU A 29 -13.18 2.81 29.36
CA GLU A 29 -12.74 3.75 30.42
C GLU A 29 -13.68 3.55 31.61
N LYS A 30 -14.98 3.37 31.34
CA LYS A 30 -16.02 3.19 32.39
C LYS A 30 -15.73 1.91 33.19
N ASP A 31 -15.14 0.89 32.57
CA ASP A 31 -14.91 -0.42 33.22
C ASP A 31 -13.51 -0.51 33.82
N THR A 32 -12.50 0.17 33.28
CA THR A 32 -11.09 -0.04 33.70
C THR A 32 -10.48 1.25 34.25
N GLY A 33 -11.08 2.42 34.01
CA GLY A 33 -10.52 3.73 34.42
C GLY A 33 -9.43 4.22 33.48
N ILE A 34 -9.20 3.52 32.36
CA ILE A 34 -8.13 3.87 31.37
C ILE A 34 -8.76 4.72 30.26
N LYS A 35 -8.33 5.98 30.13
CA LYS A 35 -8.89 6.93 29.12
C LYS A 35 -8.40 6.53 27.71
N VAL A 36 -9.36 6.29 26.80
CA VAL A 36 -9.07 5.99 25.36
C VAL A 36 -9.34 7.26 24.55
N THR A 37 -8.30 7.79 23.92
CA THR A 37 -8.40 8.91 22.95
C THR A 37 -8.42 8.30 21.55
N VAL A 38 -9.33 8.74 20.70
CA VAL A 38 -9.40 8.30 19.28
C VAL A 38 -9.11 9.53 18.45
N GLU A 39 -8.15 9.44 17.53
CA GLU A 39 -7.82 10.54 16.60
C GLU A 39 -7.93 10.02 15.17
N HIS A 40 -8.16 10.91 14.21
CA HIS A 40 -8.21 10.60 12.77
C HIS A 40 -7.35 11.61 12.03
N PRO A 41 -6.01 11.57 12.24
CA PRO A 41 -5.08 12.48 11.55
C PRO A 41 -5.01 12.30 10.03
N ASP A 42 -4.72 13.39 9.30
CA ASP A 42 -4.59 13.35 7.82
C ASP A 42 -3.34 12.54 7.49
N LYS A 43 -3.40 11.71 6.45
CA LYS A 43 -2.28 10.87 5.97
C LYS A 43 -1.71 10.01 7.11
N LEU A 44 -2.54 9.35 7.93
CA LEU A 44 -2.00 8.57 9.08
C LEU A 44 -1.21 7.35 8.59
N GLU A 45 -1.51 6.82 7.39
CA GLU A 45 -0.78 5.67 6.81
C GLU A 45 0.63 6.11 6.41
N GLU A 46 0.82 7.40 6.08
CA GLU A 46 2.14 7.99 5.77
C GLU A 46 2.85 8.33 7.08
N LYS A 47 2.11 8.83 8.06
CA LYS A 47 2.67 9.39 9.30
C LYS A 47 2.96 8.31 10.32
N PHE A 48 2.23 7.19 10.32
CA PHE A 48 2.45 6.12 11.33
C PHE A 48 3.89 5.59 11.25
N PRO A 49 4.39 5.22 10.04
CA PRO A 49 5.74 4.69 9.91
C PRO A 49 6.82 5.70 10.30
N GLN A 50 6.56 6.98 10.08
CA GLN A 50 7.53 8.06 10.41
C GLN A 50 7.63 8.19 11.93
N VAL A 51 6.51 8.25 12.66
CA VAL A 51 6.51 8.50 14.13
C VAL A 51 6.76 7.19 14.90
N ALA A 52 6.23 6.07 14.42
CA ALA A 52 6.43 4.75 15.05
C ALA A 52 7.93 4.44 15.05
N ALA A 53 8.63 4.81 13.98
CA ALA A 53 10.06 4.47 13.75
C ALA A 53 10.93 5.07 14.87
N THR A 54 10.48 6.15 15.49
CA THR A 54 11.27 6.90 16.50
C THR A 54 10.71 6.58 17.89
N GLY A 55 9.89 5.53 18.01
CA GLY A 55 9.31 5.07 19.29
C GLY A 55 8.12 5.92 19.72
N ASP A 56 7.66 6.81 18.85
CA ASP A 56 6.49 7.69 19.10
C ASP A 56 5.26 7.07 18.44
N GLY A 57 4.11 7.75 18.55
CA GLY A 57 2.89 7.46 17.78
C GLY A 57 1.79 6.88 18.66
N PRO A 58 0.72 6.36 18.04
CA PRO A 58 -0.42 5.82 18.76
C PRO A 58 -0.21 4.38 19.26
N ASP A 59 -1.00 3.94 20.23
CA ASP A 59 -0.92 2.56 20.78
C ASP A 59 -1.51 1.58 19.75
N ILE A 60 -2.61 1.98 19.12
CA ILE A 60 -3.35 1.20 18.09
C ILE A 60 -3.40 2.05 16.83
N ILE A 61 -3.12 1.44 15.67
CA ILE A 61 -3.34 2.05 14.34
C ILE A 61 -4.31 1.14 13.58
N PHE A 62 -5.26 1.79 12.93
CA PHE A 62 -6.29 1.16 12.09
C PHE A 62 -6.00 1.57 10.66
N TRP A 63 -5.93 0.57 9.79
CA TRP A 63 -5.86 0.75 8.32
C TRP A 63 -6.19 -0.58 7.67
N ALA A 64 -6.41 -0.59 6.36
CA ALA A 64 -6.54 -1.86 5.63
C ALA A 64 -5.22 -2.64 5.76
N HIS A 65 -5.33 -3.96 5.78
CA HIS A 65 -4.21 -4.90 5.97
C HIS A 65 -3.06 -4.62 5.01
N ASP A 66 -3.31 -4.01 3.86
CA ASP A 66 -2.27 -3.86 2.81
C ASP A 66 -1.03 -3.12 3.36
N ARG A 67 -1.18 -2.16 4.27
CA ARG A 67 0.01 -1.42 4.77
C ARG A 67 0.69 -2.15 5.94
N PHE A 68 0.20 -3.27 6.45
CA PHE A 68 0.70 -3.79 7.76
C PHE A 68 1.97 -4.60 7.56
N GLY A 69 2.19 -5.23 6.40
CA GLY A 69 3.41 -6.03 6.15
C GLY A 69 4.66 -5.18 6.16
N GLY A 70 4.57 -3.93 5.68
CA GLY A 70 5.69 -2.99 5.62
C GLY A 70 6.06 -2.52 7.00
N TYR A 71 5.06 -2.34 7.87
CA TYR A 71 5.26 -1.85 9.25
C TYR A 71 5.93 -2.93 10.08
N ALA A 72 5.52 -4.18 9.85
CA ALA A 72 6.10 -5.38 10.51
C ALA A 72 7.53 -5.56 10.01
N GLN A 73 7.78 -5.35 8.72
CA GLN A 73 9.15 -5.48 8.15
C GLN A 73 10.04 -4.46 8.87
N SER A 74 9.48 -3.33 9.29
CA SER A 74 10.28 -2.25 9.92
C SER A 74 10.27 -2.38 11.44
N GLY A 75 9.68 -3.45 11.97
CA GLY A 75 9.59 -3.70 13.42
C GLY A 75 8.78 -2.63 14.14
N LEU A 76 7.70 -2.16 13.53
CA LEU A 76 6.82 -1.09 14.10
C LEU A 76 5.58 -1.70 14.76
N LEU A 77 5.41 -3.02 14.74
CA LEU A 77 4.17 -3.68 15.24
C LEU A 77 4.51 -4.78 16.22
N ALA A 78 3.70 -4.95 17.24
CA ALA A 78 3.78 -6.09 18.17
C ALA A 78 3.16 -7.32 17.49
N GLU A 79 3.67 -8.51 17.77
CA GLU A 79 3.03 -9.77 17.34
C GLU A 79 1.73 -9.96 18.12
N ILE A 80 0.66 -10.31 17.44
CA ILE A 80 -0.70 -10.52 18.01
C ILE A 80 -0.78 -12.00 18.36
N THR A 81 -1.02 -12.35 19.63
CA THR A 81 -1.06 -13.78 20.05
C THR A 81 -2.38 -14.07 20.74
N PRO A 82 -3.53 -14.03 20.03
CA PRO A 82 -4.81 -14.39 20.63
C PRO A 82 -4.85 -15.91 20.81
N ASP A 83 -5.65 -16.40 21.74
CA ASP A 83 -5.75 -17.86 21.97
C ASP A 83 -6.70 -18.45 20.91
N LYS A 84 -6.70 -19.78 20.81
CA LYS A 84 -7.51 -20.54 19.82
C LYS A 84 -8.96 -20.15 20.00
N ALA A 85 -9.40 -19.90 21.23
CA ALA A 85 -10.79 -19.49 21.54
C ALA A 85 -11.12 -18.16 20.88
N PHE A 86 -10.25 -17.14 20.97
CA PHE A 86 -10.56 -15.85 20.34
C PHE A 86 -10.43 -16.00 18.82
N GLN A 87 -9.45 -16.75 18.35
CA GLN A 87 -9.15 -16.89 16.89
C GLN A 87 -10.36 -17.48 16.16
N ASP A 88 -11.08 -18.43 16.77
CA ASP A 88 -12.27 -19.12 16.21
C ASP A 88 -13.46 -18.15 16.03
N LYS A 89 -13.46 -17.01 16.72
CA LYS A 89 -14.57 -16.05 16.64
C LYS A 89 -14.54 -15.31 15.30
N LEU A 90 -13.40 -15.29 14.60
CA LEU A 90 -13.23 -14.52 13.34
C LEU A 90 -12.99 -15.48 12.17
N TYR A 91 -13.36 -15.02 10.97
CA TYR A 91 -13.23 -15.79 9.71
C TYR A 91 -11.76 -15.99 9.45
N PRO A 92 -11.33 -17.25 9.24
CA PRO A 92 -9.94 -17.56 8.95
C PRO A 92 -9.31 -16.71 7.83
N PHE A 93 -10.05 -16.38 6.79
CA PHE A 93 -9.48 -15.62 5.63
C PHE A 93 -9.18 -14.19 6.12
N THR A 94 -9.90 -13.68 7.12
CA THR A 94 -9.63 -12.33 7.70
C THR A 94 -8.30 -12.38 8.45
N TRP A 95 -7.97 -13.53 9.06
CA TRP A 95 -6.69 -13.78 9.76
C TRP A 95 -5.58 -13.96 8.72
N ASP A 96 -5.94 -14.46 7.54
CA ASP A 96 -4.95 -14.67 6.46
C ASP A 96 -4.39 -13.31 6.03
N ALA A 97 -5.22 -12.27 6.02
CA ALA A 97 -4.85 -10.92 5.54
C ALA A 97 -3.85 -10.28 6.51
N VAL A 98 -3.88 -10.67 7.80
CA VAL A 98 -3.02 -10.06 8.86
C VAL A 98 -1.89 -11.02 9.24
N ARG A 99 -1.58 -12.01 8.41
CA ARG A 99 -0.44 -12.92 8.71
C ARG A 99 0.72 -12.54 7.80
N TYR A 100 1.87 -12.25 8.40
CA TYR A 100 3.10 -11.81 7.70
C TYR A 100 4.25 -12.64 8.25
N ASN A 101 4.93 -13.41 7.38
CA ASN A 101 6.02 -14.34 7.77
C ASN A 101 5.52 -15.26 8.88
N GLY A 102 4.29 -15.76 8.75
CA GLY A 102 3.68 -16.75 9.66
C GLY A 102 3.33 -16.18 11.03
N LYS A 103 3.25 -14.84 11.17
CA LYS A 103 2.92 -14.18 12.45
C LYS A 103 1.70 -13.26 12.29
N LEU A 104 0.76 -13.30 13.22
CA LEU A 104 -0.37 -12.33 13.22
C LEU A 104 0.18 -10.97 13.65
N ILE A 105 0.03 -9.95 12.80
CA ILE A 105 0.58 -8.60 13.07
C ILE A 105 -0.56 -7.63 13.35
N ALA A 106 -1.82 -8.10 13.31
CA ALA A 106 -2.97 -7.22 13.55
C ALA A 106 -4.22 -8.05 13.81
N TYR A 107 -5.23 -7.37 14.34
CA TYR A 107 -6.59 -7.89 14.53
C TYR A 107 -7.43 -7.49 13.33
N PRO A 108 -8.09 -8.43 12.63
CA PRO A 108 -8.96 -8.06 11.54
C PRO A 108 -10.27 -7.52 12.10
N ILE A 109 -10.86 -6.53 11.43
CA ILE A 109 -12.13 -5.89 11.86
C ILE A 109 -13.23 -6.13 10.82
N ALA A 110 -13.02 -5.82 9.53
CA ALA A 110 -14.10 -5.94 8.53
C ALA A 110 -13.56 -5.98 7.10
N VAL A 111 -14.30 -6.64 6.23
CA VAL A 111 -13.89 -6.81 4.81
C VAL A 111 -14.56 -5.66 4.06
N GLU A 112 -13.77 -4.89 3.34
CA GLU A 112 -14.26 -3.71 2.58
C GLU A 112 -14.03 -4.00 1.11
N ALA A 113 -15.02 -3.80 0.28
CA ALA A 113 -14.79 -3.78 -1.18
C ALA A 113 -15.60 -2.63 -1.75
N LEU A 114 -15.09 -1.98 -2.80
CA LEU A 114 -15.92 -0.98 -3.53
C LEU A 114 -17.09 -1.69 -4.22
N SER A 115 -18.23 -1.00 -4.24
CA SER A 115 -19.43 -1.33 -5.04
C SER A 115 -19.79 -0.11 -5.89
N LEU A 116 -20.73 -0.30 -6.82
CA LEU A 116 -21.33 0.81 -7.59
C LEU A 116 -22.55 1.29 -6.81
N ILE A 117 -22.65 2.59 -6.61
CA ILE A 117 -23.78 3.20 -5.85
C ILE A 117 -24.58 4.03 -6.83
N TYR A 118 -25.88 3.79 -6.93
CA TYR A 118 -26.69 4.50 -7.96
C TYR A 118 -27.95 5.07 -7.33
N ASN A 119 -28.43 6.15 -7.92
CA ASN A 119 -29.66 6.88 -7.58
C ASN A 119 -30.81 6.13 -8.25
N LYS A 120 -31.61 5.41 -7.49
CA LYS A 120 -32.76 4.64 -8.06
C LYS A 120 -33.76 5.61 -8.71
N ASP A 121 -33.85 6.85 -8.26
CA ASP A 121 -34.82 7.82 -8.85
C ASP A 121 -34.36 8.29 -10.24
N LEU A 122 -33.06 8.41 -10.49
CA LEU A 122 -32.47 8.87 -11.79
C LEU A 122 -32.23 7.69 -12.71
N LEU A 123 -31.90 6.54 -12.14
CA LEU A 123 -31.37 5.37 -12.88
C LEU A 123 -31.94 4.08 -12.28
N PRO A 124 -33.23 3.75 -12.56
CA PRO A 124 -33.82 2.52 -12.03
C PRO A 124 -33.05 1.25 -12.42
N ASN A 125 -32.39 1.23 -13.57
CA ASN A 125 -31.48 0.12 -13.97
C ASN A 125 -30.05 0.63 -14.10
N PRO A 126 -29.16 0.36 -13.14
CA PRO A 126 -27.76 0.76 -13.28
C PRO A 126 -27.11 0.06 -14.47
N PRO A 127 -26.12 0.68 -15.14
CA PRO A 127 -25.42 0.03 -16.24
C PRO A 127 -24.69 -1.25 -15.82
N LYS A 128 -24.73 -2.25 -16.70
CA LYS A 128 -24.02 -3.53 -16.51
C LYS A 128 -22.59 -3.37 -17.01
N THR A 129 -22.36 -2.43 -17.93
CA THR A 129 -21.05 -2.26 -18.61
C THR A 129 -20.54 -0.83 -18.45
N TRP A 130 -19.21 -0.68 -18.44
CA TRP A 130 -18.48 0.61 -18.46
C TRP A 130 -18.70 1.28 -19.80
N GLU A 131 -18.85 0.47 -20.86
CA GLU A 131 -18.92 0.89 -22.28
C GLU A 131 -20.20 1.70 -22.54
N GLU A 132 -21.28 1.44 -21.78
CA GLU A 132 -22.58 2.12 -21.98
C GLU A 132 -22.65 3.42 -21.15
N ILE A 133 -21.66 3.74 -20.33
CA ILE A 133 -21.76 4.94 -19.45
C ILE A 133 -21.67 6.23 -20.28
N PRO A 134 -20.86 6.32 -21.34
CA PRO A 134 -20.87 7.53 -22.17
C PRO A 134 -22.23 7.89 -22.77
N ALA A 135 -23.00 6.91 -23.26
CA ALA A 135 -24.32 7.15 -23.89
C ALA A 135 -25.29 7.56 -22.78
N LEU A 136 -25.13 6.95 -21.61
CA LEU A 136 -25.95 7.24 -20.41
C LEU A 136 -25.68 8.66 -19.90
N ASP A 137 -24.44 9.12 -19.93
CA ASP A 137 -24.07 10.46 -19.47
C ASP A 137 -24.72 11.45 -20.43
N LYS A 138 -24.62 11.20 -21.73
CA LYS A 138 -25.22 12.05 -22.80
C LYS A 138 -26.70 12.22 -22.50
N GLU A 139 -27.35 11.10 -22.19
CA GLU A 139 -28.78 11.01 -21.83
C GLU A 139 -29.06 11.81 -20.54
N LEU A 140 -28.26 11.66 -19.51
CA LEU A 140 -28.51 12.35 -18.22
C LEU A 140 -28.12 13.83 -18.34
N LYS A 141 -27.17 14.18 -19.19
CA LYS A 141 -26.70 15.58 -19.36
C LYS A 141 -27.82 16.44 -19.95
N ALA A 142 -28.68 15.86 -20.79
CA ALA A 142 -29.87 16.51 -21.40
C ALA A 142 -30.88 16.87 -20.31
N LYS A 143 -30.77 16.24 -19.13
CA LYS A 143 -31.66 16.41 -17.97
C LYS A 143 -30.97 17.21 -16.87
N GLY A 144 -29.83 17.84 -17.17
CA GLY A 144 -29.01 18.56 -16.16
C GLY A 144 -28.42 17.63 -15.10
N LYS A 145 -28.13 16.39 -15.45
CA LYS A 145 -27.57 15.41 -14.49
C LYS A 145 -26.33 14.80 -15.14
N SER A 146 -25.50 14.11 -14.38
CA SER A 146 -24.33 13.37 -14.93
C SER A 146 -24.43 11.90 -14.52
N ALA A 147 -23.74 11.02 -15.23
CA ALA A 147 -23.85 9.56 -15.08
C ALA A 147 -23.04 9.13 -13.85
N LEU A 148 -21.79 9.58 -13.72
CA LEU A 148 -20.87 8.97 -12.73
C LEU A 148 -19.84 9.99 -12.24
N MET A 149 -19.60 9.96 -10.93
CA MET A 149 -18.57 10.78 -10.27
C MET A 149 -18.00 9.92 -9.13
N PHE A 150 -16.69 9.71 -9.15
CA PHE A 150 -15.93 9.02 -8.08
C PHE A 150 -14.55 9.66 -7.98
N ASN A 151 -13.91 9.44 -6.85
CA ASN A 151 -12.60 10.03 -6.46
C ASN A 151 -11.55 9.59 -7.48
N LEU A 152 -10.99 10.52 -8.24
CA LEU A 152 -9.93 10.22 -9.24
C LEU A 152 -8.57 10.59 -8.65
N GLN A 153 -8.53 10.97 -7.38
CA GLN A 153 -7.25 11.33 -6.70
C GLN A 153 -6.67 10.11 -5.99
N GLU A 154 -7.45 9.06 -5.71
CA GLU A 154 -6.90 7.87 -5.03
C GLU A 154 -6.98 6.67 -5.97
N PRO A 155 -5.85 5.96 -6.29
CA PRO A 155 -5.79 4.85 -7.25
C PRO A 155 -6.75 3.70 -6.91
N TYR A 156 -7.11 3.67 -5.64
CA TYR A 156 -8.02 2.65 -5.06
C TYR A 156 -9.31 2.57 -5.86
N PHE A 157 -9.93 3.72 -6.16
CA PHE A 157 -11.27 3.80 -6.80
C PHE A 157 -11.20 3.41 -8.29
N THR A 158 -10.07 3.64 -8.92
CA THR A 158 -9.85 3.44 -10.38
C THR A 158 -9.34 2.03 -10.65
N TRP A 159 -8.80 1.37 -9.64
CA TRP A 159 -8.10 0.08 -9.79
C TRP A 159 -9.03 -1.00 -10.34
N PRO A 160 -10.30 -1.11 -9.93
CA PRO A 160 -11.19 -2.17 -10.42
C PRO A 160 -11.29 -2.19 -11.96
N LEU A 161 -11.36 -1.01 -12.59
CA LEU A 161 -11.41 -0.85 -14.07
C LEU A 161 -10.06 -1.26 -14.67
N ILE A 162 -8.95 -0.83 -14.07
CA ILE A 162 -7.56 -1.10 -14.53
C ILE A 162 -7.28 -2.60 -14.44
N ALA A 163 -7.79 -3.27 -13.41
CA ALA A 163 -7.59 -4.72 -13.16
C ALA A 163 -8.57 -5.58 -13.96
N ALA A 164 -9.69 -5.04 -14.45
CA ALA A 164 -10.77 -5.84 -15.09
C ALA A 164 -10.23 -6.68 -16.25
N ASP A 165 -9.54 -6.08 -17.24
CA ASP A 165 -9.01 -6.76 -18.44
C ASP A 165 -7.55 -7.19 -18.21
N GLY A 166 -7.23 -7.70 -17.02
CA GLY A 166 -5.96 -8.41 -16.74
C GLY A 166 -4.89 -7.56 -16.05
N GLY A 167 -5.20 -6.32 -15.62
CA GLY A 167 -4.26 -5.55 -14.79
C GLY A 167 -4.12 -6.20 -13.42
N TYR A 168 -2.95 -6.15 -12.80
CA TYR A 168 -2.73 -6.74 -11.46
C TYR A 168 -1.48 -6.10 -10.84
N ALA A 169 -1.28 -6.28 -9.54
CA ALA A 169 -0.11 -5.69 -8.85
C ALA A 169 1.01 -6.75 -8.77
N PHE A 170 0.79 -7.85 -8.04
CA PHE A 170 1.78 -8.94 -7.86
C PHE A 170 1.12 -10.29 -8.14
N LYS A 171 1.63 -11.04 -9.13
CA LYS A 171 1.02 -12.31 -9.59
C LYS A 171 1.06 -13.33 -8.45
N TYR A 172 0.02 -14.16 -8.31
CA TYR A 172 -0.08 -15.13 -7.19
C TYR A 172 0.02 -16.57 -7.72
N LYS A 176 1.81 -18.24 -3.81
CA LYS A 176 2.28 -17.02 -3.09
C LYS A 176 2.51 -15.88 -4.10
N TYR A 177 2.86 -14.68 -3.60
CA TYR A 177 2.99 -13.45 -4.42
C TYR A 177 4.37 -13.41 -5.11
N ASP A 178 4.35 -13.25 -6.43
CA ASP A 178 5.56 -13.11 -7.28
C ASP A 178 5.83 -11.63 -7.47
N ILE A 179 6.77 -11.04 -6.72
CA ILE A 179 7.06 -9.58 -6.82
C ILE A 179 8.01 -9.31 -8.00
N LYS A 180 8.45 -10.37 -8.69
CA LYS A 180 9.17 -10.31 -9.99
C LYS A 180 8.17 -9.97 -11.10
N ASP A 181 6.90 -10.38 -10.91
CA ASP A 181 5.79 -10.32 -11.90
C ASP A 181 4.81 -9.20 -11.52
N VAL A 182 5.04 -7.98 -12.00
CA VAL A 182 4.16 -6.79 -11.77
C VAL A 182 3.35 -6.54 -13.05
N GLY A 183 2.04 -6.37 -12.94
CA GLY A 183 1.17 -6.19 -14.13
C GLY A 183 0.64 -4.78 -14.26
N VAL A 184 1.43 -3.75 -13.96
CA VAL A 184 0.93 -2.35 -13.91
C VAL A 184 0.93 -1.74 -15.31
N ASP A 185 1.76 -2.20 -16.25
CA ASP A 185 1.69 -1.64 -17.62
C ASP A 185 1.40 -2.74 -18.65
N ASN A 186 0.54 -3.70 -18.34
CA ASN A 186 0.15 -4.77 -19.30
C ASN A 186 -1.00 -4.26 -20.16
N ALA A 187 -1.45 -5.05 -21.15
CA ALA A 187 -2.44 -4.61 -22.15
C ALA A 187 -3.76 -4.30 -21.44
N GLY A 188 -4.11 -5.11 -20.45
CA GLY A 188 -5.32 -4.96 -19.62
C GLY A 188 -5.29 -3.66 -18.84
N ALA A 189 -4.14 -3.30 -18.29
CA ALA A 189 -3.98 -2.06 -17.50
C ALA A 189 -4.10 -0.86 -18.42
N LYS A 190 -3.47 -0.91 -19.58
CA LYS A 190 -3.54 0.19 -20.59
C LYS A 190 -5.00 0.35 -21.01
N ALA A 191 -5.72 -0.75 -21.24
CA ALA A 191 -7.09 -0.71 -21.78
C ALA A 191 -7.98 0.04 -20.80
N GLY A 192 -7.93 -0.34 -19.51
CA GLY A 192 -8.77 0.23 -18.45
C GLY A 192 -8.47 1.70 -18.23
N LEU A 193 -7.20 2.05 -18.08
CA LEU A 193 -6.83 3.44 -17.75
C LEU A 193 -7.11 4.32 -18.97
N THR A 194 -7.00 3.77 -20.18
CA THR A 194 -7.28 4.50 -21.44
C THR A 194 -8.76 4.85 -21.45
N PHE A 195 -9.61 3.89 -21.09
CA PHE A 195 -11.08 4.10 -21.02
C PHE A 195 -11.42 5.21 -20.03
N LEU A 196 -10.69 5.30 -18.90
CA LEU A 196 -10.94 6.39 -17.92
C LEU A 196 -10.49 7.73 -18.51
N VAL A 197 -9.35 7.79 -19.16
CA VAL A 197 -8.86 9.06 -19.77
C VAL A 197 -9.87 9.46 -20.84
N ASP A 198 -10.43 8.49 -21.56
CA ASP A 198 -11.40 8.80 -22.63
C ASP A 198 -12.68 9.39 -22.04
N LEU A 199 -13.13 8.91 -20.88
CA LEU A 199 -14.33 9.47 -20.22
C LEU A 199 -14.05 10.93 -19.88
N ILE A 200 -12.82 11.25 -19.48
CA ILE A 200 -12.39 12.62 -19.07
C ILE A 200 -12.25 13.50 -20.31
N LYS A 201 -11.73 12.94 -21.40
CA LYS A 201 -11.48 13.65 -22.68
C LYS A 201 -12.84 14.04 -23.30
N ASN A 202 -13.82 13.14 -23.20
CA ASN A 202 -15.18 13.25 -23.79
C ASN A 202 -16.11 13.97 -22.80
N LYS A 203 -15.55 14.45 -21.69
CA LYS A 203 -16.18 15.38 -20.70
C LYS A 203 -17.24 14.63 -19.88
N HIS A 204 -17.18 13.30 -19.84
CA HIS A 204 -18.11 12.46 -19.06
C HIS A 204 -17.64 12.47 -17.59
N MET A 205 -16.34 12.64 -17.35
CA MET A 205 -15.79 12.78 -15.96
C MET A 205 -14.78 13.91 -15.94
N ASN A 206 -14.37 14.30 -14.75
CA ASN A 206 -13.52 15.48 -14.50
C ASN A 206 -12.24 15.03 -13.78
N ALA A 207 -11.07 15.32 -14.33
CA ALA A 207 -9.78 14.93 -13.73
C ALA A 207 -9.67 15.43 -12.28
N ASP A 208 -10.27 16.57 -11.92
CA ASP A 208 -10.05 17.24 -10.61
C ASP A 208 -10.92 16.62 -9.51
N THR A 209 -11.92 15.81 -9.87
CA THR A 209 -12.91 15.22 -8.93
C THR A 209 -12.21 14.42 -7.85
N ASP A 210 -12.41 14.77 -6.59
CA ASP A 210 -11.82 14.05 -5.45
C ASP A 210 -12.98 13.39 -4.68
N TYR A 211 -12.71 12.94 -3.46
CA TYR A 211 -13.69 12.24 -2.62
C TYR A 211 -14.80 13.21 -2.23
N SER A 212 -14.44 14.43 -1.83
CA SER A 212 -15.44 15.42 -1.33
C SER A 212 -16.42 15.80 -2.45
N ILE A 213 -15.92 16.04 -3.65
CA ILE A 213 -16.75 16.52 -4.78
C ILE A 213 -17.70 15.39 -5.19
N ALA A 214 -17.19 14.16 -5.36
CA ALA A 214 -17.97 12.97 -5.79
C ALA A 214 -19.07 12.70 -4.77
N GLU A 215 -18.76 12.80 -3.48
CA GLU A 215 -19.74 12.50 -2.41
C GLU A 215 -20.86 13.55 -2.46
N ALA A 216 -20.53 14.83 -2.51
CA ALA A 216 -21.48 15.96 -2.52
C ALA A 216 -22.39 15.83 -3.75
N ALA A 217 -21.84 15.61 -4.95
CA ALA A 217 -22.64 15.51 -6.19
C ALA A 217 -23.61 14.31 -6.10
N PHE A 218 -23.19 13.19 -5.53
CA PHE A 218 -24.08 12.01 -5.46
C PHE A 218 -25.18 12.28 -4.44
N ASN A 219 -24.81 12.81 -3.28
CA ASN A 219 -25.75 13.00 -2.14
C ASN A 219 -26.71 14.16 -2.42
N LYS A 220 -26.46 15.06 -3.38
CA LYS A 220 -27.49 16.07 -3.70
C LYS A 220 -28.15 15.74 -5.04
N GLY A 221 -28.00 14.49 -5.48
CA GLY A 221 -28.70 13.91 -6.65
C GLY A 221 -28.28 14.53 -7.96
N GLU A 222 -27.05 15.03 -8.08
CA GLU A 222 -26.55 15.72 -9.30
C GLU A 222 -25.98 14.66 -10.23
N THR A 223 -25.43 13.60 -9.65
CA THR A 223 -24.85 12.45 -10.40
C THR A 223 -25.63 11.18 -10.05
N ALA A 224 -25.86 10.34 -11.06
CA ALA A 224 -26.64 9.10 -10.97
C ALA A 224 -25.85 8.02 -10.23
N MET A 225 -24.52 8.03 -10.33
CA MET A 225 -23.67 6.92 -9.83
C MET A 225 -22.42 7.47 -9.14
N THR A 226 -21.93 6.71 -8.16
CA THR A 226 -20.60 6.88 -7.55
C THR A 226 -19.96 5.50 -7.31
N ILE A 227 -18.66 5.47 -7.06
CA ILE A 227 -17.96 4.24 -6.66
C ILE A 227 -17.43 4.51 -5.26
N ASN A 228 -17.91 3.75 -4.29
CA ASN A 228 -17.51 3.93 -2.88
C ASN A 228 -17.74 2.66 -2.09
N GLY A 229 -17.30 2.67 -0.84
CA GLY A 229 -17.35 1.52 0.09
C GLY A 229 -18.43 1.76 1.13
N PRO A 230 -18.66 0.74 2.03
CA PRO A 230 -19.66 0.72 3.11
C PRO A 230 -19.70 1.98 4.00
N TRP A 231 -18.53 2.58 4.22
CA TRP A 231 -18.35 3.78 5.10
C TRP A 231 -19.20 4.93 4.58
N ALA A 232 -19.41 5.02 3.25
CA ALA A 232 -20.10 6.13 2.59
C ALA A 232 -21.63 6.05 2.74
N TRP A 233 -22.19 4.89 3.12
CA TRP A 233 -23.66 4.71 3.13
C TRP A 233 -24.29 5.68 4.14
N SER A 234 -23.64 5.94 5.27
CA SER A 234 -24.22 6.76 6.37
C SER A 234 -24.59 8.14 5.83
N ASN A 235 -23.65 8.80 5.14
CA ASN A 235 -23.86 10.15 4.60
C ASN A 235 -24.96 10.14 3.55
N ILE A 236 -25.09 9.05 2.79
CA ILE A 236 -26.16 8.92 1.75
C ILE A 236 -27.51 8.73 2.45
N ASP A 237 -27.53 7.98 3.56
CA ASP A 237 -28.76 7.82 4.39
C ASP A 237 -29.27 9.20 4.81
N THR A 238 -28.37 10.06 5.25
CA THR A 238 -28.69 11.42 5.76
C THR A 238 -29.25 12.25 4.60
N SER A 239 -28.69 12.09 3.40
CA SER A 239 -28.98 12.95 2.21
C SER A 239 -30.36 12.64 1.61
N ALA A 240 -30.98 11.51 1.97
CA ALA A 240 -32.37 11.20 1.53
C ALA A 240 -32.39 10.73 0.06
N VAL A 241 -31.24 10.36 -0.53
CA VAL A 241 -31.17 9.88 -1.93
C VAL A 241 -31.63 8.41 -1.94
N ASN A 242 -32.53 8.03 -2.84
CA ASN A 242 -32.98 6.62 -2.94
C ASN A 242 -31.89 5.84 -3.67
N TYR A 243 -30.99 5.20 -2.94
CA TYR A 243 -29.79 4.58 -3.57
C TYR A 243 -29.88 3.06 -3.47
N GLY A 244 -29.19 2.41 -4.40
CA GLY A 244 -28.92 0.95 -4.37
C GLY A 244 -27.43 0.73 -4.36
N VAL A 245 -27.02 -0.44 -3.90
CA VAL A 245 -25.58 -0.85 -3.94
C VAL A 245 -25.55 -2.10 -4.80
N THR A 246 -24.75 -2.10 -5.86
CA THR A 246 -24.84 -3.19 -6.86
C THR A 246 -23.44 -3.61 -7.31
N VAL A 247 -23.39 -4.62 -8.17
CA VAL A 247 -22.14 -5.15 -8.78
C VAL A 247 -21.56 -4.03 -9.64
N LEU A 248 -20.23 -3.94 -9.69
CA LEU A 248 -19.53 -2.92 -10.50
C LEU A 248 -19.74 -3.23 -11.98
N PRO A 249 -19.78 -2.22 -12.87
CA PRO A 249 -19.98 -2.47 -14.29
C PRO A 249 -18.78 -3.24 -14.85
N THR A 250 -19.01 -4.08 -15.85
CA THR A 250 -17.94 -4.89 -16.48
C THR A 250 -17.18 -4.02 -17.48
N PHE A 251 -15.92 -4.36 -17.74
CA PHE A 251 -15.11 -3.76 -18.83
C PHE A 251 -14.65 -4.88 -19.76
N LYS A 252 -14.92 -4.73 -21.05
CA LYS A 252 -14.54 -5.70 -22.11
C LYS A 252 -15.14 -7.07 -21.77
N GLY A 253 -16.35 -7.06 -21.22
CA GLY A 253 -17.10 -8.27 -20.87
C GLY A 253 -16.58 -8.92 -19.60
N GLN A 254 -15.61 -8.33 -18.90
CA GLN A 254 -15.02 -8.95 -17.68
C GLN A 254 -15.32 -8.09 -16.46
N PRO A 255 -15.44 -8.70 -15.26
CA PRO A 255 -15.83 -7.96 -14.07
C PRO A 255 -14.77 -6.92 -13.67
N SER A 256 -15.18 -5.82 -13.08
CA SER A 256 -14.21 -4.92 -12.40
C SER A 256 -13.72 -5.66 -11.17
N LYS A 257 -12.41 -5.73 -10.93
CA LYS A 257 -11.85 -6.46 -9.76
C LYS A 257 -11.41 -5.42 -8.73
N PRO A 258 -12.25 -5.06 -7.71
CA PRO A 258 -11.88 -4.13 -6.63
C PRO A 258 -10.73 -4.73 -5.80
N PHE A 259 -9.76 -3.94 -5.37
CA PHE A 259 -8.72 -4.44 -4.46
C PHE A 259 -9.38 -4.57 -3.09
N VAL A 260 -9.46 -5.77 -2.53
CA VAL A 260 -10.21 -5.97 -1.25
C VAL A 260 -9.31 -5.60 -0.06
N GLY A 261 -9.84 -4.80 0.86
CA GLY A 261 -9.11 -4.41 2.09
C GLY A 261 -9.77 -4.99 3.32
N VAL A 262 -8.98 -5.35 4.32
CA VAL A 262 -9.52 -5.82 5.62
C VAL A 262 -9.10 -4.79 6.68
N LEU A 263 -10.04 -3.94 7.10
CA LEU A 263 -9.78 -2.96 8.17
C LEU A 263 -9.20 -3.71 9.36
N SER A 264 -7.96 -3.36 9.74
CA SER A 264 -7.18 -4.11 10.74
C SER A 264 -6.67 -3.14 11.80
N ALA A 265 -6.48 -3.64 13.02
CA ALA A 265 -6.02 -2.87 14.19
C ALA A 265 -4.65 -3.41 14.58
N GLY A 266 -3.62 -2.58 14.47
CA GLY A 266 -2.23 -2.97 14.79
C GLY A 266 -1.82 -2.38 16.13
N ILE A 267 -0.94 -3.07 16.87
CA ILE A 267 -0.39 -2.55 18.15
C ILE A 267 1.02 -2.03 17.89
N ASN A 268 1.29 -0.77 18.21
CA ASN A 268 2.65 -0.16 18.15
C ASN A 268 3.63 -1.00 18.97
N ALA A 269 4.79 -1.29 18.40
CA ALA A 269 5.86 -2.05 19.09
C ALA A 269 6.38 -1.23 20.28
N ALA A 270 6.41 0.09 20.14
CA ALA A 270 6.94 1.02 21.16
C ALA A 270 5.93 1.22 22.30
N SER A 271 4.70 0.70 22.18
CA SER A 271 3.62 0.93 23.17
C SER A 271 3.96 0.22 24.49
N PRO A 272 3.84 0.92 25.66
CA PRO A 272 3.95 0.35 27.01
C PRO A 272 2.57 -0.03 27.57
N ASN A 273 1.60 -0.09 26.67
CA ASN A 273 0.18 -0.44 26.97
C ASN A 273 -0.32 -1.53 26.03
N LYS A 274 0.51 -2.53 25.71
CA LYS A 274 0.16 -3.56 24.69
C LYS A 274 -0.90 -4.47 25.29
N GLU A 275 -0.86 -4.67 26.60
CA GLU A 275 -1.79 -5.55 27.32
C GLU A 275 -3.18 -4.90 27.36
N LEU A 276 -3.25 -3.57 27.56
CA LEU A 276 -4.52 -2.81 27.55
C LEU A 276 -5.08 -2.79 26.12
N ALA A 277 -4.22 -2.64 25.12
CA ALA A 277 -4.62 -2.60 23.70
C ALA A 277 -5.18 -3.98 23.29
N LYS A 278 -4.52 -5.08 23.69
CA LYS A 278 -5.03 -6.44 23.38
C LYS A 278 -6.39 -6.60 24.05
N GLU A 279 -6.52 -6.16 25.30
CA GLU A 279 -7.77 -6.29 26.11
C GLU A 279 -8.89 -5.42 25.51
N PHE A 280 -8.58 -4.22 25.01
CA PHE A 280 -9.60 -3.33 24.40
C PHE A 280 -10.05 -3.92 23.06
N LEU A 281 -9.12 -4.43 22.26
CA LEU A 281 -9.45 -4.91 20.91
C LEU A 281 -10.19 -6.25 20.98
N GLU A 282 -9.72 -7.21 21.79
CA GLU A 282 -10.35 -8.56 21.85
C GLU A 282 -11.68 -8.53 22.60
N ASN A 283 -11.80 -7.87 23.75
CA ASN A 283 -12.99 -8.02 24.63
C ASN A 283 -13.90 -6.79 24.58
N TYR A 284 -13.49 -5.68 23.96
CA TYR A 284 -14.42 -4.54 23.81
C TYR A 284 -14.81 -4.31 22.34
N LEU A 285 -13.84 -4.02 21.45
CA LEU A 285 -14.17 -3.73 20.03
C LEU A 285 -14.67 -5.01 19.34
N LEU A 286 -13.95 -6.13 19.39
CA LEU A 286 -14.32 -7.29 18.56
C LEU A 286 -15.41 -8.10 19.28
N THR A 287 -16.59 -7.51 19.40
CA THR A 287 -17.78 -8.03 20.10
C THR A 287 -19.02 -7.55 19.34
N ASP A 288 -20.19 -8.12 19.60
CA ASP A 288 -21.43 -7.69 18.89
C ASP A 288 -21.64 -6.20 19.21
N GLU A 289 -21.50 -5.83 20.48
CA GLU A 289 -21.79 -4.44 20.97
C GLU A 289 -20.71 -3.48 20.44
N GLY A 290 -19.46 -3.91 20.37
CA GLY A 290 -18.35 -3.05 19.91
C GLY A 290 -18.43 -2.79 18.42
N LEU A 291 -18.56 -3.84 17.63
CA LEU A 291 -18.68 -3.68 16.16
C LEU A 291 -20.00 -2.97 15.82
N GLU A 292 -21.06 -3.16 16.60
CA GLU A 292 -22.32 -2.43 16.28
C GLU A 292 -22.13 -0.94 16.56
N ALA A 293 -21.44 -0.57 17.63
CA ALA A 293 -21.21 0.85 17.99
C ALA A 293 -20.47 1.56 16.84
N VAL A 294 -19.45 0.93 16.25
CA VAL A 294 -18.61 1.49 15.15
C VAL A 294 -19.43 1.50 13.86
N ASN A 295 -20.05 0.37 13.50
CA ASN A 295 -20.90 0.17 12.29
C ASN A 295 -22.10 1.13 12.29
N LYS A 296 -22.69 1.42 13.45
CA LYS A 296 -23.81 2.39 13.57
C LYS A 296 -23.35 3.78 13.16
N ASP A 297 -22.09 4.11 13.42
CA ASP A 297 -21.54 5.42 13.03
C ASP A 297 -21.35 5.39 11.51
N LYS A 298 -20.40 4.60 11.01
CA LYS A 298 -20.12 4.39 9.56
C LYS A 298 -20.06 2.90 9.30
N PRO A 299 -20.79 2.34 8.31
CA PRO A 299 -20.74 0.90 8.08
C PRO A 299 -19.33 0.39 7.83
N LEU A 300 -19.00 -0.73 8.50
CA LEU A 300 -17.70 -1.44 8.37
C LEU A 300 -17.65 -2.30 7.09
N GLY A 301 -18.80 -2.71 6.54
CA GLY A 301 -18.83 -3.76 5.51
C GLY A 301 -19.02 -5.11 6.19
N ALA A 302 -18.44 -6.18 5.66
CA ALA A 302 -18.65 -7.55 6.18
C ALA A 302 -17.65 -7.78 7.31
N VAL A 303 -18.10 -7.72 8.56
CA VAL A 303 -17.19 -7.75 9.75
C VAL A 303 -16.59 -9.16 9.92
N ALA A 304 -15.35 -9.19 10.40
CA ALA A 304 -14.53 -10.39 10.65
C ALA A 304 -15.15 -11.23 11.77
N LEU A 305 -15.98 -10.64 12.64
CA LEU A 305 -16.62 -11.36 13.78
C LEU A 305 -17.81 -12.17 13.28
N LYS A 306 -17.70 -13.50 13.31
CA LYS A 306 -18.69 -14.43 12.73
C LYS A 306 -20.07 -14.14 13.30
N SER A 307 -20.21 -14.05 14.63
CA SER A 307 -21.54 -13.84 15.29
C SER A 307 -22.22 -12.64 14.67
N TYR A 308 -21.52 -11.50 14.58
CA TYR A 308 -22.09 -10.20 14.12
C TYR A 308 -22.21 -10.21 12.60
N GLU A 309 -21.34 -10.93 11.89
CA GLU A 309 -21.43 -10.99 10.40
C GLU A 309 -22.67 -11.79 9.99
N GLU A 310 -23.15 -12.72 10.82
CA GLU A 310 -24.36 -13.53 10.52
C GLU A 310 -25.56 -12.59 10.38
N GLU A 311 -25.64 -11.58 11.26
CA GLU A 311 -26.76 -10.61 11.33
C GLU A 311 -26.67 -9.66 10.13
N LEU A 312 -25.48 -9.12 9.81
CA LEU A 312 -25.34 -8.05 8.79
C LEU A 312 -25.44 -8.64 7.36
N ALA A 313 -25.35 -9.97 7.21
CA ALA A 313 -25.34 -10.66 5.90
C ALA A 313 -26.69 -10.51 5.20
N LYS A 314 -27.77 -10.36 5.97
CA LYS A 314 -29.17 -10.25 5.47
C LYS A 314 -29.31 -8.96 4.65
N ASP A 315 -28.62 -7.89 5.06
CA ASP A 315 -28.56 -6.57 4.38
C ASP A 315 -28.08 -6.76 2.94
N PRO A 316 -28.85 -6.34 1.91
CA PRO A 316 -28.46 -6.49 0.50
C PRO A 316 -27.22 -5.71 0.06
N ARG A 317 -26.95 -4.57 0.71
CA ARG A 317 -25.76 -3.72 0.41
C ARG A 317 -24.47 -4.46 0.76
N ILE A 318 -24.49 -5.22 1.85
CA ILE A 318 -23.38 -6.12 2.26
C ILE A 318 -23.23 -7.24 1.23
N ALA A 319 -24.34 -7.81 0.78
CA ALA A 319 -24.35 -8.89 -0.23
C ALA A 319 -23.66 -8.37 -1.49
N ALA A 320 -23.98 -7.15 -1.92
CA ALA A 320 -23.35 -6.52 -3.11
C ALA A 320 -21.85 -6.35 -2.84
N THR A 321 -21.47 -5.96 -1.62
CA THR A 321 -20.04 -5.77 -1.23
C THR A 321 -19.29 -7.08 -1.40
N MET A 322 -19.87 -8.17 -0.89
CA MET A 322 -19.21 -9.51 -0.94
C MET A 322 -19.20 -10.01 -2.38
N GLU A 323 -20.21 -9.68 -3.17
CA GLU A 323 -20.26 -10.11 -4.59
C GLU A 323 -19.09 -9.44 -5.31
N ASN A 324 -18.91 -8.14 -5.07
CA ASN A 324 -17.81 -7.33 -5.66
C ASN A 324 -16.47 -7.82 -5.12
N ALA A 325 -16.44 -8.22 -3.86
CA ALA A 325 -15.25 -8.78 -3.18
C ALA A 325 -14.83 -10.09 -3.84
N GLN A 326 -15.78 -10.99 -4.14
CA GLN A 326 -15.50 -12.29 -4.79
C GLN A 326 -14.87 -12.07 -6.16
N LYS A 327 -15.35 -11.07 -6.91
CA LYS A 327 -14.86 -10.78 -8.29
C LYS A 327 -13.55 -10.01 -8.24
N GLY A 328 -13.15 -9.52 -7.07
CA GLY A 328 -11.88 -8.81 -6.86
C GLY A 328 -10.84 -9.74 -6.28
N GLU A 329 -9.79 -9.16 -5.71
CA GLU A 329 -8.63 -9.87 -5.14
C GLU A 329 -8.36 -9.29 -3.76
N ILE A 330 -8.10 -10.15 -2.76
CA ILE A 330 -7.59 -9.70 -1.45
C ILE A 330 -6.28 -8.96 -1.71
N MET A 331 -6.13 -7.75 -1.20
CA MET A 331 -4.88 -6.98 -1.41
C MET A 331 -3.74 -7.77 -0.79
N PRO A 332 -2.55 -7.86 -1.42
CA PRO A 332 -1.37 -8.37 -0.75
C PRO A 332 -0.92 -7.45 0.39
N ASN A 333 -0.26 -7.99 1.41
CA ASN A 333 0.15 -7.15 2.56
C ASN A 333 1.67 -6.93 2.54
N ILE A 334 2.35 -7.26 1.44
CA ILE A 334 3.85 -7.25 1.34
C ILE A 334 4.39 -5.81 1.40
N PRO A 335 5.65 -5.60 1.90
CA PRO A 335 6.25 -4.29 2.15
C PRO A 335 6.27 -3.27 0.99
N GLN A 336 6.24 -3.74 -0.24
CA GLN A 336 6.37 -2.82 -1.40
C GLN A 336 5.00 -2.43 -1.94
N MET A 337 3.91 -2.78 -1.23
CA MET A 337 2.55 -2.29 -1.52
C MET A 337 2.54 -0.75 -1.50
N SER A 338 3.19 -0.13 -0.52
CA SER A 338 3.25 1.35 -0.37
C SER A 338 3.80 1.98 -1.65
N ALA A 339 4.82 1.39 -2.26
CA ALA A 339 5.51 1.96 -3.43
C ALA A 339 4.65 1.71 -4.66
N PHE A 340 3.91 0.61 -4.70
CA PHE A 340 3.00 0.31 -5.84
C PHE A 340 1.85 1.33 -5.80
N TRP A 341 1.31 1.60 -4.63
CA TRP A 341 0.18 2.56 -4.50
C TRP A 341 0.65 3.97 -4.86
N TYR A 342 1.86 4.34 -4.45
CA TYR A 342 2.40 5.70 -4.71
C TYR A 342 2.56 5.86 -6.22
N ALA A 343 3.07 4.81 -6.87
CA ALA A 343 3.38 4.80 -8.31
C ALA A 343 2.09 4.89 -9.12
N VAL A 344 1.08 4.09 -8.78
CA VAL A 344 -0.22 4.06 -9.51
C VAL A 344 -1.01 5.35 -9.24
N ARG A 345 -0.93 5.89 -8.02
CA ARG A 345 -1.58 7.20 -7.70
C ARG A 345 -1.09 8.24 -8.71
N THR A 346 0.22 8.38 -8.84
CA THR A 346 0.88 9.34 -9.77
C THR A 346 0.44 9.05 -11.21
N ALA A 347 0.46 7.80 -11.65
CA ALA A 347 0.10 7.39 -13.03
C ALA A 347 -1.33 7.83 -13.35
N VAL A 348 -2.30 7.51 -12.49
CA VAL A 348 -3.73 7.83 -12.75
C VAL A 348 -3.91 9.36 -12.79
N ILE A 349 -3.32 10.08 -11.84
CA ILE A 349 -3.46 11.57 -11.78
C ILE A 349 -2.87 12.19 -13.04
N ASN A 350 -1.71 11.70 -13.51
CA ASN A 350 -1.01 12.29 -14.68
C ASN A 350 -1.76 11.94 -15.97
N ALA A 351 -2.21 10.71 -16.14
CA ALA A 351 -2.93 10.29 -17.36
C ALA A 351 -4.24 11.08 -17.49
N ALA A 352 -4.95 11.26 -16.37
CA ALA A 352 -6.25 11.94 -16.27
C ALA A 352 -6.09 13.42 -16.61
N SER A 353 -5.02 14.07 -16.14
CA SER A 353 -4.80 15.52 -16.36
C SER A 353 -4.17 15.77 -17.72
N GLY A 354 -3.61 14.75 -18.37
CA GLY A 354 -2.89 14.89 -19.66
C GLY A 354 -1.45 15.36 -19.51
N ARG A 355 -0.87 15.38 -18.30
CA ARG A 355 0.58 15.66 -18.11
C ARG A 355 1.41 14.55 -18.78
N GLN A 356 0.88 13.33 -18.79
CA GLN A 356 1.52 12.13 -19.38
C GLN A 356 0.50 11.32 -20.18
N THR A 357 0.95 10.50 -21.13
CA THR A 357 0.05 9.58 -21.87
C THR A 357 -0.20 8.35 -21.00
N VAL A 358 -1.09 7.46 -21.42
CA VAL A 358 -1.39 6.26 -20.60
C VAL A 358 -0.15 5.37 -20.64
N ASP A 359 0.48 5.28 -21.81
CA ASP A 359 1.72 4.50 -22.04
C ASP A 359 2.84 5.04 -21.16
N GLU A 360 3.05 6.35 -21.20
CA GLU A 360 4.12 7.04 -20.44
C GLU A 360 3.92 6.80 -18.93
N ALA A 361 2.72 7.12 -18.44
CA ALA A 361 2.35 7.10 -17.00
C ALA A 361 2.48 5.69 -16.43
N LEU A 362 1.96 4.67 -17.11
CA LEU A 362 1.91 3.28 -16.60
C LEU A 362 3.31 2.66 -16.66
N LYS A 363 4.12 3.02 -17.65
CA LYS A 363 5.55 2.60 -17.72
C LYS A 363 6.31 3.13 -16.50
N ASP A 364 6.06 4.37 -16.07
CA ASP A 364 6.75 5.02 -14.94
C ASP A 364 6.28 4.40 -13.63
N ALA A 365 5.05 3.90 -13.61
CA ALA A 365 4.46 3.31 -12.40
C ALA A 365 4.94 1.87 -12.29
N GLN A 366 5.28 1.22 -13.42
CA GLN A 366 5.79 -0.17 -13.44
C GLN A 366 7.24 -0.14 -12.97
N THR A 367 7.96 0.96 -13.21
CA THR A 367 9.35 1.16 -12.76
C THR A 367 9.36 1.34 -11.24
N GLY A 368 8.51 2.19 -10.70
CA GLY A 368 8.49 2.46 -9.25
C GLY A 368 8.01 1.24 -8.49
N SER A 369 7.14 0.44 -9.10
CA SER A 369 6.56 -0.78 -8.49
C SER A 369 7.64 -1.86 -8.42
N GLU A 370 8.60 -1.85 -9.35
CA GLU A 370 9.65 -2.90 -9.46
C GLU A 370 10.97 -2.37 -8.89
N LEU A 371 11.08 -1.07 -8.64
CA LEU A 371 12.37 -0.41 -8.34
C LEU A 371 13.08 -1.10 -7.17
N TYR A 372 12.38 -1.45 -6.10
CA TYR A 372 13.07 -1.98 -4.90
C TYR A 372 13.68 -3.34 -5.22
N ARG A 373 12.87 -4.25 -5.74
CA ARG A 373 13.27 -5.65 -6.03
C ARG A 373 14.35 -5.64 -7.11
N GLN A 374 14.25 -4.73 -8.08
CA GLN A 374 15.20 -4.59 -9.20
C GLN A 374 16.53 -4.05 -8.65
N SER A 375 16.48 -3.11 -7.71
CA SER A 375 17.70 -2.53 -7.11
C SER A 375 18.42 -3.58 -6.26
N LEU A 376 17.70 -4.27 -5.39
CA LEU A 376 18.31 -5.28 -4.49
C LEU A 376 18.97 -6.38 -5.32
N GLU A 377 18.28 -6.85 -6.35
CA GLU A 377 18.76 -7.88 -7.29
C GLU A 377 20.15 -7.49 -7.81
N ILE A 378 20.33 -6.23 -8.18
CA ILE A 378 21.60 -5.74 -8.77
C ILE A 378 22.64 -5.65 -7.65
N ILE A 379 22.28 -4.99 -6.55
CA ILE A 379 23.21 -4.68 -5.44
C ILE A 379 23.58 -5.98 -4.71
N SER A 380 22.62 -6.84 -4.44
CA SER A 380 22.88 -8.11 -3.75
C SER A 380 23.87 -8.95 -4.58
N ARG A 381 23.67 -9.02 -5.90
CA ARG A 381 24.51 -9.86 -6.78
C ARG A 381 25.91 -9.25 -6.83
N TYR A 382 26.01 -7.94 -6.97
CA TYR A 382 27.33 -7.28 -7.04
C TYR A 382 28.08 -7.55 -5.73
N LEU A 383 27.48 -7.23 -4.58
CA LEU A 383 28.14 -7.40 -3.26
C LEU A 383 28.56 -8.85 -3.06
N ARG A 384 27.72 -9.82 -3.38
CA ARG A 384 27.96 -11.27 -3.17
C ARG A 384 29.06 -11.76 -4.10
N GLU A 385 29.06 -11.34 -5.35
CA GLU A 385 30.08 -11.81 -6.32
C GLU A 385 31.44 -11.17 -5.99
N GLN A 386 31.46 -9.95 -5.44
CA GLN A 386 32.72 -9.29 -5.05
C GLN A 386 33.30 -9.95 -3.80
N ALA A 387 32.45 -10.31 -2.85
CA ALA A 387 32.87 -10.97 -1.60
C ALA A 387 33.45 -12.38 -1.90
N THR A 388 32.83 -13.15 -2.80
CA THR A 388 33.18 -14.57 -3.02
C THR A 388 34.06 -14.77 -4.25
N GLY A 389 34.06 -13.83 -5.19
CA GLY A 389 34.86 -13.96 -6.44
C GLY A 389 34.13 -14.75 -7.51
N ALA A 390 32.95 -15.30 -7.23
CA ALA A 390 32.15 -16.04 -8.25
C ALA A 390 30.77 -15.40 -8.37
N ALA A 391 30.29 -15.23 -9.60
CA ALA A 391 28.98 -14.63 -9.93
C ALA A 391 27.89 -15.61 -9.58
N ASP A 392 26.67 -15.13 -9.37
CA ASP A 392 25.48 -15.99 -9.17
C ASP A 392 25.14 -16.63 -10.53
N THR A 393 24.92 -17.94 -10.55
CA THR A 393 24.58 -18.71 -11.79
C THR A 393 23.12 -18.45 -12.18
N ALA A 394 22.21 -18.27 -11.21
CA ALA A 394 20.75 -18.25 -11.41
C ALA A 394 20.38 -17.15 -12.40
N PRO A 395 19.30 -17.32 -13.19
CA PRO A 395 18.85 -16.31 -14.13
C PRO A 395 18.08 -15.16 -13.45
N MET A 396 18.22 -13.94 -14.01
CA MET A 396 17.57 -12.71 -13.51
C MET A 396 16.05 -12.83 -13.71
N GLY A 397 15.63 -13.41 -14.84
CA GLY A 397 14.21 -13.65 -15.20
C GLY A 397 13.83 -12.94 -16.49
N ALA A 398 12.52 -12.96 -16.81
CA ALA A 398 11.92 -12.47 -18.08
C ALA A 398 12.11 -10.95 -18.23
N SER A 399 11.95 -10.18 -17.14
CA SER A 399 12.05 -8.69 -17.13
C SER A 399 13.48 -8.25 -16.77
N GLY A 400 14.43 -9.19 -16.73
CA GLY A 400 15.77 -8.99 -16.15
C GLY A 400 16.86 -8.67 -17.17
N ALA A 401 16.53 -8.18 -18.37
CA ALA A 401 17.53 -7.69 -19.35
C ALA A 401 18.22 -6.44 -18.77
N THR A 402 17.47 -5.58 -18.13
CA THR A 402 17.96 -4.35 -17.47
C THR A 402 18.95 -4.69 -16.34
N SER A 403 18.60 -5.65 -15.48
CA SER A 403 19.43 -6.05 -14.31
C SER A 403 20.81 -6.51 -14.80
N ARG A 404 20.83 -7.26 -15.89
CA ARG A 404 22.04 -7.88 -16.50
C ARG A 404 22.99 -6.78 -16.97
N LYS A 405 22.47 -5.81 -17.74
CA LYS A 405 23.24 -4.67 -18.30
C LYS A 405 23.65 -3.73 -17.15
N ALA A 406 22.78 -3.55 -16.16
CA ALA A 406 23.08 -2.69 -14.99
C ALA A 406 24.19 -3.36 -14.16
N LEU A 407 24.15 -4.67 -13.96
CA LEU A 407 25.22 -5.40 -13.23
C LEU A 407 26.50 -5.30 -14.05
N GLU A 408 26.42 -5.55 -15.35
CA GLU A 408 27.57 -5.42 -16.28
C GLU A 408 28.17 -4.01 -16.18
N THR A 409 27.35 -2.97 -16.20
CA THR A 409 27.81 -1.55 -16.07
C THR A 409 28.42 -1.33 -14.69
N LEU A 410 27.75 -1.79 -13.63
CA LEU A 410 28.23 -1.64 -12.23
C LEU A 410 29.60 -2.30 -12.11
N ARG A 411 29.75 -3.53 -12.62
CA ARG A 411 31.05 -4.25 -12.60
C ARG A 411 32.13 -3.37 -13.23
N ARG A 412 31.93 -2.97 -14.47
CA ARG A 412 32.90 -2.18 -15.27
C ARG A 412 33.22 -0.85 -14.54
N VAL A 413 32.17 -0.12 -14.20
CA VAL A 413 32.29 1.27 -13.66
C VAL A 413 32.77 1.23 -12.21
N GLY A 414 32.21 0.33 -11.40
CA GLY A 414 32.42 0.28 -9.94
C GLY A 414 33.72 -0.42 -9.56
N ASP A 415 34.35 -1.19 -10.45
CA ASP A 415 35.60 -1.90 -10.07
C ASP A 415 36.70 -0.85 -10.00
N GLY A 416 36.68 0.13 -10.91
CA GLY A 416 37.60 1.30 -10.90
C GLY A 416 37.48 2.11 -9.62
N VAL A 417 36.26 2.32 -9.12
CA VAL A 417 36.02 3.06 -7.85
C VAL A 417 36.62 2.23 -6.71
N GLN A 418 36.51 0.90 -6.69
CA GLN A 418 37.09 0.18 -5.53
C GLN A 418 38.61 0.35 -5.52
N ARG A 419 39.23 0.35 -6.71
CA ARG A 419 40.71 0.41 -6.88
C ARG A 419 41.21 1.82 -6.50
N ASN A 420 40.55 2.89 -6.97
CA ASN A 420 40.98 4.29 -6.77
C ASN A 420 40.74 4.75 -5.33
N HIS A 421 39.76 4.20 -4.62
CA HIS A 421 39.36 4.64 -3.25
C HIS A 421 39.73 3.59 -2.20
N GLU A 422 40.61 2.66 -2.52
CA GLU A 422 40.98 1.54 -1.63
C GLU A 422 41.39 2.09 -0.27
N THR A 423 42.25 3.10 -0.26
CA THR A 423 42.86 3.66 0.97
C THR A 423 41.76 4.31 1.82
N ALA A 424 40.88 5.08 1.20
CA ALA A 424 39.78 5.79 1.86
C ALA A 424 38.79 4.76 2.43
N PHE A 425 38.49 3.69 1.68
CA PHE A 425 37.50 2.67 2.10
C PHE A 425 38.01 1.93 3.34
N GLN A 426 39.25 1.45 3.30
CA GLN A 426 39.94 0.75 4.40
C GLN A 426 39.91 1.65 5.65
N GLY A 427 40.23 2.94 5.47
CA GLY A 427 40.19 3.95 6.54
C GLY A 427 38.80 4.04 7.15
N MET A 428 37.77 4.03 6.32
CA MET A 428 36.36 4.15 6.81
C MET A 428 35.93 2.81 7.41
N LEU A 429 36.39 1.68 6.90
CA LEU A 429 35.93 0.37 7.43
C LEU A 429 36.59 0.11 8.79
N ARG A 430 37.88 0.50 8.94
CA ARG A 430 38.62 0.38 10.24
C ARG A 430 37.94 1.24 11.31
N LYS A 431 37.50 2.44 10.92
CA LYS A 431 36.93 3.50 11.78
C LYS A 431 35.47 3.19 12.13
N LEU A 432 34.87 2.16 11.53
CA LEU A 432 33.43 1.84 11.73
C LEU A 432 33.29 0.52 12.48
N ASP A 433 34.40 -0.17 12.75
CA ASP A 433 34.47 -1.47 13.49
C ASP A 433 33.24 -2.34 13.17
N ILE A 434 33.18 -2.87 11.95
CA ILE A 434 32.11 -3.82 11.50
C ILE A 434 32.57 -5.24 11.88
N LYS A 435 31.67 -6.12 12.31
CA LYS A 435 32.07 -7.43 12.87
C LYS A 435 30.90 -8.43 12.93
N ASN A 436 29.65 -7.98 12.75
CA ASN A 436 28.44 -8.85 12.84
C ASN A 436 27.20 -8.07 12.36
N GLU A 437 26.02 -8.72 12.36
CA GLU A 437 24.75 -8.11 11.88
C GLU A 437 24.45 -6.87 12.73
N ASP A 438 24.77 -6.92 14.02
CA ASP A 438 24.62 -5.79 14.98
C ASP A 438 25.35 -4.57 14.43
N ASP A 439 26.64 -4.70 14.11
CA ASP A 439 27.50 -3.61 13.58
C ASP A 439 26.92 -3.13 12.24
N VAL A 440 26.34 -4.03 11.44
CA VAL A 440 25.75 -3.71 10.11
C VAL A 440 24.52 -2.81 10.30
N LYS A 441 23.79 -2.97 11.41
CA LYS A 441 22.62 -2.12 11.73
C LYS A 441 23.07 -0.66 11.85
N SER A 442 24.22 -0.41 12.50
CA SER A 442 24.82 0.93 12.71
C SER A 442 24.98 1.64 11.36
N LEU A 443 25.82 1.04 10.49
CA LEU A 443 26.22 1.50 9.14
C LEU A 443 25.09 2.24 8.43
N SER A 444 23.91 1.61 8.33
CA SER A 444 22.71 2.15 7.65
C SER A 444 22.51 3.62 8.04
N ARG A 445 22.50 3.90 9.36
CA ARG A 445 22.33 5.27 9.92
C ARG A 445 23.38 6.18 9.29
N VAL A 446 24.63 5.70 9.19
CA VAL A 446 25.75 6.51 8.61
C VAL A 446 25.36 6.85 7.17
N MET A 447 25.16 5.81 6.36
CA MET A 447 24.93 5.91 4.89
C MET A 447 23.85 6.94 4.56
N ILE A 448 22.70 6.98 5.26
CA ILE A 448 21.67 8.01 4.89
C ILE A 448 22.29 9.38 5.13
N HIS A 449 22.86 9.61 6.32
CA HIS A 449 23.51 10.91 6.69
C HIS A 449 24.45 11.36 5.57
N VAL A 450 25.20 10.43 4.97
CA VAL A 450 26.26 10.66 3.94
C VAL A 450 25.57 10.84 2.58
N PHE A 451 24.70 9.90 2.22
CA PHE A 451 24.06 9.83 0.88
C PHE A 451 22.99 10.91 0.79
N SER A 452 22.50 11.36 1.94
CA SER A 452 21.43 12.40 2.13
C SER A 452 21.92 13.76 1.64
N ASP A 453 22.64 14.52 2.47
CA ASP A 453 22.98 15.95 2.25
C ASP A 453 24.10 16.10 1.21
N GLY A 454 23.88 15.60 -0.02
CA GLY A 454 24.82 15.68 -1.14
C GLY A 454 24.07 15.67 -2.47
N VAL A 455 24.64 16.32 -3.49
CA VAL A 455 24.11 16.40 -4.90
C VAL A 455 23.83 14.98 -5.41
N THR A 456 22.72 14.79 -6.13
CA THR A 456 22.24 13.46 -6.59
C THR A 456 22.75 13.18 -8.00
N ASN A 457 23.46 12.06 -8.16
CA ASN A 457 24.00 11.62 -9.47
C ASN A 457 24.37 10.14 -9.36
N TRP A 458 24.44 9.47 -10.52
CA TRP A 458 24.77 8.03 -10.65
C TRP A 458 26.17 7.76 -10.10
N GLY A 459 27.05 8.76 -10.16
CA GLY A 459 28.43 8.69 -9.65
C GLY A 459 28.44 8.40 -8.16
N ARG A 460 27.58 9.08 -7.41
CA ARG A 460 27.53 8.92 -5.94
C ARG A 460 26.82 7.61 -5.64
N ILE A 461 25.91 7.17 -6.49
CA ILE A 461 25.18 5.88 -6.26
C ILE A 461 26.20 4.75 -6.39
N VAL A 462 27.08 4.85 -7.37
CA VAL A 462 28.18 3.89 -7.64
C VAL A 462 29.12 3.85 -6.44
N THR A 463 29.51 4.98 -5.87
CA THR A 463 30.46 4.98 -4.72
C THR A 463 29.82 4.22 -3.55
N LEU A 464 28.57 4.49 -3.25
CA LEU A 464 27.80 3.86 -2.15
C LEU A 464 27.80 2.32 -2.28
N ILE A 465 27.50 1.83 -3.48
CA ILE A 465 27.38 0.37 -3.75
C ILE A 465 28.78 -0.20 -3.72
N SER A 466 29.77 0.52 -4.24
CA SER A 466 31.20 0.13 -4.31
C SER A 466 31.79 -0.03 -2.92
N PHE A 467 31.44 0.88 -2.00
CA PHE A 467 31.86 0.80 -0.59
C PHE A 467 31.12 -0.36 0.09
N GLY A 468 29.90 -0.64 -0.34
CA GLY A 468 29.09 -1.75 0.18
C GLY A 468 29.72 -3.07 -0.20
N ALA A 469 30.28 -3.17 -1.42
CA ALA A 469 30.97 -4.37 -1.94
C ALA A 469 32.25 -4.59 -1.13
N PHE A 470 32.94 -3.48 -0.83
CA PHE A 470 34.21 -3.45 -0.06
C PHE A 470 33.94 -4.01 1.34
N VAL A 471 32.78 -3.69 1.89
CA VAL A 471 32.39 -4.14 3.25
C VAL A 471 31.97 -5.61 3.16
N ALA A 472 31.40 -6.05 2.04
CA ALA A 472 30.94 -7.44 1.83
C ALA A 472 32.17 -8.34 1.73
N LYS A 473 33.22 -7.83 1.11
CA LYS A 473 34.53 -8.51 0.96
C LYS A 473 35.10 -8.77 2.36
N HIS A 474 35.04 -7.74 3.20
CA HIS A 474 35.50 -7.81 4.61
C HIS A 474 34.64 -8.81 5.38
N LEU A 475 33.30 -8.68 5.31
CA LEU A 475 32.35 -9.55 6.05
C LEU A 475 32.65 -11.03 5.79
N LYS A 476 32.90 -11.39 4.54
CA LYS A 476 33.10 -12.81 4.14
C LYS A 476 34.46 -13.29 4.68
N THR A 477 35.44 -12.38 4.72
CA THR A 477 36.82 -12.60 5.23
C THR A 477 36.79 -12.96 6.72
N ILE A 478 35.85 -12.41 7.50
CA ILE A 478 35.74 -12.68 8.96
C ILE A 478 34.59 -13.65 9.23
N ASN A 479 34.23 -14.48 8.26
CA ASN A 479 33.20 -15.56 8.40
C ASN A 479 31.87 -14.91 8.79
N GLN A 480 31.57 -13.71 8.28
CA GLN A 480 30.28 -13.02 8.55
C GLN A 480 29.54 -12.88 7.22
N GLU A 481 29.56 -13.93 6.40
CA GLU A 481 29.04 -13.92 5.01
C GLU A 481 27.52 -13.76 5.02
N SER A 482 26.85 -14.20 6.07
CA SER A 482 25.39 -14.11 6.35
C SER A 482 24.92 -12.66 6.48
N CYS A 483 25.83 -11.71 6.72
CA CYS A 483 25.54 -10.27 6.88
C CYS A 483 25.56 -9.54 5.53
N ILE A 484 25.92 -10.24 4.46
CA ILE A 484 26.00 -9.61 3.13
C ILE A 484 24.59 -9.33 2.65
N GLU A 485 23.63 -10.23 2.84
CA GLU A 485 22.28 -10.02 2.28
C GLU A 485 21.60 -8.85 3.00
N PRO A 486 21.61 -8.72 4.34
CA PRO A 486 21.12 -7.54 5.04
C PRO A 486 21.82 -6.21 4.77
N LEU A 487 23.12 -6.23 4.49
CA LEU A 487 23.85 -5.00 4.10
C LEU A 487 23.32 -4.56 2.72
N ALA A 488 23.07 -5.49 1.81
CA ALA A 488 22.54 -5.19 0.46
C ALA A 488 21.13 -4.59 0.61
N GLU A 489 20.32 -5.16 1.51
CA GLU A 489 18.95 -4.67 1.83
C GLU A 489 19.06 -3.23 2.33
N SER A 490 20.02 -2.93 3.19
CA SER A 490 20.16 -1.58 3.79
C SER A 490 20.66 -0.60 2.73
N ILE A 491 21.62 -0.99 1.88
CA ILE A 491 22.08 -0.08 0.80
C ILE A 491 20.90 0.19 -0.16
N THR A 492 20.14 -0.84 -0.52
CA THR A 492 18.96 -0.69 -1.41
C THR A 492 17.95 0.25 -0.75
N ASP A 493 17.68 0.03 0.53
CA ASP A 493 16.70 0.82 1.31
C ASP A 493 17.10 2.31 1.27
N VAL A 494 18.32 2.67 1.64
CA VAL A 494 18.83 4.08 1.60
C VAL A 494 18.58 4.66 0.22
N LEU A 495 18.99 3.93 -0.82
CA LEU A 495 18.99 4.42 -2.23
C LEU A 495 17.56 4.64 -2.71
N VAL A 496 16.65 3.66 -2.58
CA VAL A 496 15.31 3.84 -3.23
C VAL A 496 14.40 4.68 -2.33
N ARG A 497 14.56 4.66 -1.00
CA ARG A 497 13.65 5.41 -0.10
C ARG A 497 13.95 6.90 -0.20
N THR A 498 15.18 7.29 -0.50
CA THR A 498 15.61 8.71 -0.49
C THR A 498 15.74 9.25 -1.91
N LYS A 499 15.81 8.40 -2.93
CA LYS A 499 16.07 8.89 -4.32
C LYS A 499 15.00 8.38 -5.28
N ARG A 500 13.90 7.84 -4.75
CA ARG A 500 12.77 7.26 -5.52
C ARG A 500 12.42 8.16 -6.72
N ASP A 501 12.00 9.40 -6.47
CA ASP A 501 11.48 10.33 -7.51
C ASP A 501 12.55 10.56 -8.58
N TRP A 502 13.82 10.72 -8.19
CA TRP A 502 14.96 10.93 -9.12
C TRP A 502 15.19 9.68 -9.98
N LEU A 503 15.14 8.49 -9.38
CA LEU A 503 15.48 7.23 -10.07
C LEU A 503 14.46 6.96 -11.18
N VAL A 504 13.20 7.34 -10.99
CA VAL A 504 12.10 7.07 -11.95
C VAL A 504 12.19 8.09 -13.10
N LYS A 505 12.60 9.32 -12.79
CA LYS A 505 12.84 10.39 -13.80
C LYS A 505 14.02 9.98 -14.71
N GLN A 506 14.90 9.08 -14.27
CA GLN A 506 16.11 8.66 -15.03
C GLN A 506 15.86 7.34 -15.74
N ARG A 507 14.61 6.87 -15.74
CA ARG A 507 14.17 5.58 -16.33
C ARG A 507 14.76 4.43 -15.49
N GLY A 508 15.06 4.71 -14.22
CA GLY A 508 15.65 3.72 -13.30
C GLY A 508 16.97 3.16 -13.82
N TRP A 509 17.13 1.84 -13.76
CA TRP A 509 18.44 1.20 -14.02
C TRP A 509 18.77 1.23 -15.51
N ASP A 510 17.78 1.46 -16.37
CA ASP A 510 17.98 1.65 -17.82
C ASP A 510 18.79 2.94 -18.01
N GLY A 511 18.40 3.98 -17.26
CA GLY A 511 19.09 5.28 -17.19
C GLY A 511 20.53 5.11 -16.79
N PHE A 512 20.80 4.21 -15.84
CA PHE A 512 22.16 3.95 -15.31
C PHE A 512 23.02 3.34 -16.42
N VAL A 513 22.50 2.33 -17.12
CA VAL A 513 23.21 1.70 -18.26
C VAL A 513 23.44 2.77 -19.33
N GLU A 514 22.41 3.57 -19.63
CA GLU A 514 22.49 4.60 -20.70
C GLU A 514 23.58 5.61 -20.32
N PHE A 515 23.61 6.04 -19.06
CA PHE A 515 24.51 7.13 -18.62
C PHE A 515 25.98 6.72 -18.77
N PHE A 516 26.34 5.50 -18.38
CA PHE A 516 27.76 5.03 -18.42
C PHE A 516 28.04 4.27 -19.72
N HIS A 517 27.17 4.33 -20.73
CA HIS A 517 27.45 3.71 -22.05
C HIS A 517 28.63 4.46 -22.70
N VAL A 518 29.49 3.77 -23.45
CA VAL A 518 30.68 4.38 -24.10
C VAL A 518 30.94 3.68 -25.43
#